data_5U3V
#
_entry.id   5U3V
#
_cell.length_a   39.610
_cell.length_b   95.050
_cell.length_c   96.320
_cell.angle_alpha   90.00
_cell.angle_beta   97.87
_cell.angle_gamma   90.00
#
_symmetry.space_group_name_H-M   'P 1 21 1'
#
loop_
_entity.id
_entity.type
_entity.pdbx_description
1 polymer 'Peroxisome proliferator-activated receptor delta'
2 non-polymer 'heptyl beta-D-glucopyranoside'
3 non-polymer '6-[2-({cyclopentyl[4-(furan-3-yl)benzene-1-carbonyl]amino}methyl)phenoxy]hexanoic acid'
4 non-polymer DI(HYDROXYETHYL)ETHER
5 non-polymer S-1,2-PROPANEDIOL
6 water water
#
_entity_poly.entity_id   1
_entity_poly.type   'polypeptide(L)'
_entity_poly.pdbx_seq_one_letter_code
;PQVADLKAFSKHIYNAYLKNFNMTKKKARSILTGKASHTAPFVIHDIETLWQAEKGLVWKQLVNGLPPYKEISVHVFYRC
Q(CME)TTVETVRELTEFAKSIPSFSSLFLNDQVTLLKYGVHEAIFAMLASIVNKDGLLVANGSGFVTREFLRSLRKPFS
DIIEPKFEFAVKFNALELDDSDLALFIAAIILCGDRPGLMNVPRVEAIQDTILRALEFHLQANHPDAQYLFPKLLQKMAD
LRQLVTEHAQMMQRIKKTETETSLHPLLQEIYKDMY
;
_entity_poly.pdbx_strand_id   A,B
#
# COMPACT_ATOMS: atom_id res chain seq x y z
N ALA A 4 -19.52 -15.82 -2.13
CA ALA A 4 -20.68 -15.56 -2.99
C ALA A 4 -20.53 -16.35 -4.30
N ASP A 5 -21.38 -16.02 -5.28
CA ASP A 5 -21.42 -16.74 -6.54
C ASP A 5 -20.10 -16.61 -7.29
N LEU A 6 -19.56 -17.75 -7.74
CA LEU A 6 -18.27 -17.73 -8.40
C LEU A 6 -18.38 -17.16 -9.82
N LYS A 7 -19.52 -17.30 -10.50
CA LYS A 7 -19.67 -16.66 -11.80
C LYS A 7 -19.52 -15.14 -11.67
N ALA A 8 -20.26 -14.53 -10.73
CA ALA A 8 -20.19 -13.08 -10.55
C ALA A 8 -18.79 -12.65 -10.12
N PHE A 9 -18.17 -13.45 -9.25
CA PHE A 9 -16.79 -13.23 -8.86
C PHE A 9 -15.87 -13.24 -10.08
N SER A 10 -15.96 -14.28 -10.92
CA SER A 10 -15.11 -14.33 -12.11
C SER A 10 -15.34 -13.11 -12.99
N LYS A 11 -16.59 -12.69 -13.13
CA LYS A 11 -16.91 -11.58 -14.03
C LYS A 11 -16.39 -10.26 -13.50
N HIS A 12 -16.39 -10.08 -12.17
CA HIS A 12 -15.79 -8.86 -11.60
C HIS A 12 -14.29 -8.83 -11.79
N ILE A 13 -13.63 -9.98 -11.68
CA ILE A 13 -12.18 -10.02 -11.93
C ILE A 13 -11.88 -9.75 -13.40
N TYR A 14 -12.66 -10.33 -14.31
CA TYR A 14 -12.46 -10.06 -15.73
C TYR A 14 -12.60 -8.58 -16.04
N ASN A 15 -13.59 -7.90 -15.47
CA ASN A 15 -13.77 -6.48 -15.76
C ASN A 15 -12.64 -5.64 -15.23
N ALA A 16 -12.15 -5.97 -14.02
CA ALA A 16 -10.98 -5.28 -13.47
C ALA A 16 -9.76 -5.48 -14.35
N TYR A 17 -9.66 -6.64 -14.97
CA TYR A 17 -8.58 -6.91 -15.89
C TYR A 17 -8.72 -6.04 -17.14
N LEU A 18 -9.92 -6.04 -17.76
CA LEU A 18 -10.07 -5.24 -18.96
C LEU A 18 -9.89 -3.77 -18.65
N LYS A 19 -10.31 -3.35 -17.46
CA LYS A 19 -10.20 -1.95 -17.08
C LYS A 19 -8.74 -1.53 -16.93
N ASN A 20 -7.83 -2.45 -16.53
CA ASN A 20 -6.52 -2.03 -16.09
C ASN A 20 -5.37 -2.40 -17.02
N PHE A 21 -5.56 -3.32 -17.95
CA PHE A 21 -4.50 -3.69 -18.86
C PHE A 21 -4.82 -3.13 -20.24
N ASN A 22 -3.93 -2.29 -20.78
CA ASN A 22 -4.16 -1.65 -22.07
C ASN A 22 -4.07 -2.67 -23.20
N MET A 23 -3.13 -3.60 -23.11
CA MET A 23 -2.97 -4.66 -24.09
C MET A 23 -3.56 -5.95 -23.51
N THR A 24 -4.58 -6.48 -24.16
CA THR A 24 -5.18 -7.77 -23.87
C THR A 24 -4.68 -8.82 -24.84
N LYS A 25 -4.84 -10.09 -24.48
CA LYS A 25 -4.46 -11.14 -25.40
C LYS A 25 -5.30 -11.08 -26.66
N LYS A 26 -6.57 -10.72 -26.53
CA LYS A 26 -7.42 -10.56 -27.71
C LYS A 26 -6.79 -9.57 -28.69
N LYS A 27 -6.43 -8.39 -28.22
CA LYS A 27 -5.83 -7.39 -29.09
C LYS A 27 -4.50 -7.87 -29.63
N ALA A 28 -3.65 -8.39 -28.74
CA ALA A 28 -2.35 -8.89 -29.14
C ALA A 28 -2.46 -9.88 -30.29
N ARG A 29 -3.37 -10.84 -30.17
CA ARG A 29 -3.49 -11.84 -31.22
C ARG A 29 -4.09 -11.27 -32.49
N SER A 30 -4.93 -10.24 -32.36
CA SER A 30 -5.46 -9.56 -33.52
C SER A 30 -4.36 -8.85 -34.30
N ILE A 31 -3.34 -8.35 -33.60
CA ILE A 31 -2.18 -7.75 -34.25
C ILE A 31 -1.28 -8.83 -34.84
N LEU A 32 -0.92 -9.83 -34.03
CA LEU A 32 0.04 -10.83 -34.47
C LEU A 32 -0.49 -11.72 -35.58
N THR A 33 -1.80 -11.68 -35.84
CA THR A 33 -2.37 -12.43 -36.97
C THR A 33 -3.10 -11.55 -37.99
N ALA A 40 0.39 -3.25 -39.68
CA ALA A 40 1.18 -4.31 -39.08
C ALA A 40 2.33 -3.69 -38.29
N PRO A 41 2.88 -4.43 -37.33
CA PRO A 41 3.95 -3.88 -36.52
C PRO A 41 5.26 -3.81 -37.30
N PHE A 42 6.02 -2.76 -37.01
CA PHE A 42 7.36 -2.61 -37.58
C PHE A 42 8.26 -3.65 -36.95
N VAL A 43 8.99 -4.39 -37.76
CA VAL A 43 9.83 -5.49 -37.27
C VAL A 43 11.22 -4.99 -36.91
N ILE A 44 11.64 -5.28 -35.69
CA ILE A 44 12.94 -4.90 -35.14
C ILE A 44 13.77 -6.18 -35.03
N HIS A 45 14.81 -6.28 -35.85
CA HIS A 45 15.64 -7.47 -35.85
C HIS A 45 17.15 -7.17 -35.84
N ASP A 46 17.55 -5.90 -35.76
CA ASP A 46 18.97 -5.54 -35.73
C ASP A 46 19.12 -4.09 -35.26
N ILE A 47 20.35 -3.59 -35.29
CA ILE A 47 20.57 -2.24 -34.79
C ILE A 47 19.88 -1.20 -35.67
N GLU A 48 19.96 -1.36 -36.99
CA GLU A 48 19.38 -0.35 -37.88
C GLU A 48 17.89 -0.22 -37.64
N THR A 49 17.16 -1.34 -37.67
CA THR A 49 15.71 -1.28 -37.49
C THR A 49 15.35 -0.84 -36.08
N LEU A 50 16.17 -1.20 -35.09
CA LEU A 50 15.98 -0.68 -33.75
C LEU A 50 16.11 0.83 -33.76
N TRP A 51 17.13 1.35 -34.44
CA TRP A 51 17.31 2.78 -34.50
C TRP A 51 16.14 3.43 -35.22
N GLN A 52 15.71 2.83 -36.34
CA GLN A 52 14.56 3.35 -37.07
C GLN A 52 13.33 3.33 -36.19
N ALA A 53 13.22 2.32 -35.32
CA ALA A 53 12.07 2.21 -34.46
C ALA A 53 12.09 3.29 -33.39
N GLU A 54 13.27 3.56 -32.81
N GLU A 54 13.27 3.58 -32.84
CA GLU A 54 13.36 4.56 -31.75
CA GLU A 54 13.39 4.64 -31.84
C GLU A 54 13.05 5.95 -32.27
C GLU A 54 13.23 6.02 -32.47
N LYS A 55 13.04 6.15 -33.59
N LYS A 55 13.53 6.15 -33.76
CA LYS A 55 12.72 7.44 -34.16
CA LYS A 55 13.57 7.44 -34.40
C LYS A 55 11.32 7.50 -34.75
C LYS A 55 12.21 7.93 -34.90
N GLY A 56 10.78 6.36 -35.18
N GLY A 56 11.12 7.26 -34.52
CA GLY A 56 9.50 6.33 -35.87
CA GLY A 56 9.80 7.76 -34.82
C GLY A 56 8.34 5.75 -35.07
C GLY A 56 8.88 6.78 -35.51
N LEU A 57 8.63 5.03 -33.98
N LEU A 57 9.44 5.71 -36.08
CA LEU A 57 7.59 4.42 -33.17
CA LEU A 57 8.61 4.73 -36.77
C LEU A 57 7.32 5.23 -31.91
C LEU A 57 7.65 4.06 -35.80
N VAL A 58 6.07 5.22 -31.47
N VAL A 58 8.01 4.01 -34.53
CA VAL A 58 5.66 5.91 -30.25
CA VAL A 58 7.10 3.46 -33.52
C VAL A 58 5.80 4.94 -29.08
C VAL A 58 7.25 4.25 -32.23
N TRP A 59 6.68 5.30 -28.13
N TRP A 59 8.49 4.57 -31.88
CA TRP A 59 6.96 4.51 -26.94
CA TRP A 59 8.77 5.46 -30.76
C TRP A 59 6.41 5.23 -25.72
C TRP A 59 8.89 6.87 -31.30
N LYS A 60 5.87 4.46 -24.78
N LYS A 60 7.80 7.64 -31.17
CA LYS A 60 5.29 5.07 -23.58
CA LYS A 60 7.75 8.97 -31.77
C LYS A 60 6.34 5.89 -22.84
C LYS A 60 8.61 9.91 -30.93
N GLN A 61 7.56 5.36 -22.72
N GLN A 61 9.92 9.79 -31.14
CA GLN A 61 8.68 6.05 -22.11
CA GLN A 61 10.87 10.84 -30.76
C GLN A 61 9.58 6.62 -23.20
C GLN A 61 11.05 11.06 -29.27
N LEU A 62 9.73 7.94 -23.20
N LEU A 62 10.04 11.69 -28.66
CA LEU A 62 10.58 8.57 -24.19
CA LEU A 62 10.26 12.74 -27.67
C LEU A 62 12.05 8.25 -23.92
C LEU A 62 11.44 12.47 -26.74
N VAL A 63 12.81 7.99 -25.00
N VAL A 63 12.11 13.57 -26.35
CA VAL A 63 14.20 7.55 -24.90
CA VAL A 63 13.36 13.50 -25.59
C VAL A 63 14.91 8.57 -24.00
C VAL A 63 13.22 12.48 -24.48
N ASN A 64 14.99 9.79 -24.49
N ASN A 64 14.18 11.56 -24.42
CA ASN A 64 14.95 10.99 -23.66
CA ASN A 64 14.02 10.30 -23.70
C ASN A 64 15.20 10.68 -22.19
C ASN A 64 14.60 10.38 -22.30
N GLY A 65 14.19 10.11 -21.52
N GLY A 65 13.81 9.96 -21.32
CA GLY A 65 14.24 9.85 -20.10
CA GLY A 65 14.24 9.86 -19.94
C GLY A 65 14.69 8.47 -19.70
C GLY A 65 14.61 8.45 -19.54
N LEU A 66 14.91 7.55 -20.66
N LEU A 66 14.84 7.58 -20.53
CA LEU A 66 15.61 6.32 -20.33
CA LEU A 66 15.55 6.34 -20.23
C LEU A 66 16.92 6.72 -19.66
C LEU A 66 16.85 6.73 -19.56
N PRO A 67 17.50 5.87 -18.83
N PRO A 67 17.49 5.86 -18.79
CA PRO A 67 18.83 6.16 -18.33
CA PRO A 67 18.82 6.16 -18.33
C PRO A 67 19.73 6.53 -19.49
C PRO A 67 19.69 6.57 -19.51
N PRO A 68 20.65 7.47 -19.32
N PRO A 68 20.65 7.47 -19.32
CA PRO A 68 21.45 7.93 -20.45
CA PRO A 68 21.45 7.93 -20.45
C PRO A 68 22.01 6.73 -21.22
C PRO A 68 22.00 6.73 -21.22
N TYR A 69 22.14 6.91 -22.54
CA TYR A 69 22.51 5.81 -23.40
C TYR A 69 23.84 5.20 -22.95
N LYS A 70 24.00 3.89 -23.19
CA LYS A 70 25.27 3.21 -22.94
C LYS A 70 25.72 2.30 -24.10
N GLU A 71 24.84 1.44 -24.64
CA GLU A 71 25.15 0.50 -25.74
C GLU A 71 23.85 -0.26 -26.07
N ILE A 72 23.91 -1.12 -27.10
CA ILE A 72 22.67 -1.70 -27.66
C ILE A 72 22.04 -2.72 -26.72
N SER A 73 22.82 -3.68 -26.21
CA SER A 73 22.28 -4.66 -25.28
C SER A 73 21.74 -4.00 -24.02
N VAL A 74 22.42 -2.97 -23.51
CA VAL A 74 21.92 -2.27 -22.32
C VAL A 74 20.70 -1.45 -22.68
N HIS A 75 20.69 -0.83 -23.86
CA HIS A 75 19.53 -0.05 -24.26
C HIS A 75 18.26 -0.91 -24.30
N VAL A 76 18.36 -2.13 -24.86
CA VAL A 76 17.23 -3.05 -24.90
C VAL A 76 16.83 -3.42 -23.48
N PHE A 77 17.82 -3.65 -22.63
CA PHE A 77 17.53 -3.94 -21.23
C PHE A 77 16.73 -2.82 -20.61
N TYR A 78 17.09 -1.57 -20.88
CA TYR A 78 16.35 -0.43 -20.33
C TYR A 78 14.93 -0.39 -20.84
N ARG A 79 14.70 -0.74 -22.10
CA ARG A 79 13.33 -0.83 -22.60
C ARG A 79 12.57 -1.97 -21.94
N CYS A 80 13.24 -3.08 -21.69
CA CYS A 80 12.58 -4.17 -20.96
C CYS A 80 12.17 -3.71 -19.56
N GLN A 81 13.05 -2.98 -18.90
CA GLN A 81 12.84 -2.52 -17.54
C GLN A 81 11.70 -1.52 -17.50
N THR A 83 9.10 -1.42 -19.57
CA THR A 83 7.82 -2.06 -19.75
C THR A 83 7.47 -2.90 -18.52
N THR A 84 8.49 -3.44 -17.85
CA THR A 84 8.24 -4.17 -16.60
C THR A 84 7.58 -3.26 -15.56
N VAL A 85 8.21 -2.11 -15.31
CA VAL A 85 7.71 -1.17 -14.32
C VAL A 85 6.32 -0.70 -14.69
N GLU A 86 6.06 -0.47 -15.99
CA GLU A 86 4.70 -0.10 -16.39
C GLU A 86 3.70 -1.22 -16.14
N THR A 87 4.12 -2.48 -16.31
CA THR A 87 3.20 -3.59 -16.07
C THR A 87 2.99 -3.83 -14.58
N VAL A 88 4.02 -3.58 -13.76
CA VAL A 88 3.82 -3.59 -12.31
C VAL A 88 2.77 -2.57 -11.93
N ARG A 89 2.83 -1.38 -12.55
CA ARG A 89 1.82 -0.36 -12.26
C ARG A 89 0.42 -0.90 -12.55
N GLU A 90 0.22 -1.46 -13.74
CA GLU A 90 -1.09 -2.00 -14.12
C GLU A 90 -1.52 -3.12 -13.19
N LEU A 91 -0.61 -4.05 -12.88
CA LEU A 91 -0.94 -5.15 -11.98
C LEU A 91 -1.34 -4.65 -10.62
N THR A 92 -0.72 -3.57 -10.16
CA THR A 92 -1.08 -3.00 -8.86
C THR A 92 -2.51 -2.45 -8.88
N GLU A 93 -2.86 -1.70 -9.92
CA GLU A 93 -4.23 -1.19 -10.00
C GLU A 93 -5.23 -2.32 -10.21
N PHE A 94 -4.86 -3.34 -10.96
CA PHE A 94 -5.72 -4.51 -11.08
C PHE A 94 -5.95 -5.17 -9.72
N ALA A 95 -4.88 -5.42 -8.96
CA ALA A 95 -5.07 -6.02 -7.64
C ALA A 95 -5.93 -5.14 -6.76
N LYS A 96 -5.66 -3.84 -6.72
CA LYS A 96 -6.48 -2.96 -5.90
C LYS A 96 -7.92 -2.96 -6.37
N SER A 97 -8.15 -3.23 -7.66
CA SER A 97 -9.50 -3.33 -8.20
C SER A 97 -10.20 -4.59 -7.78
N ILE A 98 -9.58 -5.41 -6.93
CA ILE A 98 -10.22 -6.60 -6.37
C ILE A 98 -10.55 -6.32 -4.91
N PRO A 99 -11.83 -6.27 -4.52
CA PRO A 99 -12.17 -5.88 -3.13
C PRO A 99 -11.47 -6.69 -2.05
N SER A 100 -11.39 -8.02 -2.19
CA SER A 100 -10.77 -8.81 -1.14
C SER A 100 -9.28 -8.49 -1.02
N PHE A 101 -8.63 -8.08 -2.13
CA PHE A 101 -7.25 -7.61 -2.03
C PHE A 101 -7.18 -6.27 -1.31
N SER A 102 -8.03 -5.31 -1.70
CA SER A 102 -7.95 -3.99 -1.09
C SER A 102 -8.34 -4.00 0.38
N SER A 103 -8.98 -5.06 0.85
CA SER A 103 -9.34 -5.18 2.27
C SER A 103 -8.20 -5.67 3.15
N LEU A 104 -7.17 -6.27 2.55
CA LEU A 104 -5.96 -6.60 3.28
C LEU A 104 -5.28 -5.33 3.78
N PHE A 105 -4.52 -5.46 4.86
CA PHE A 105 -3.72 -4.34 5.27
C PHE A 105 -2.71 -4.02 4.17
N LEU A 106 -2.36 -2.75 4.10
CA LEU A 106 -1.55 -2.26 2.99
C LEU A 106 -0.18 -2.93 2.94
N ASN A 107 0.36 -3.33 4.11
CA ASN A 107 1.65 -3.99 4.14
C ASN A 107 1.56 -5.40 3.56
N ASP A 108 0.45 -6.10 3.76
CA ASP A 108 0.27 -7.35 3.07
C ASP A 108 0.04 -7.15 1.58
N GLN A 109 -0.61 -6.05 1.18
CA GLN A 109 -0.75 -5.81 -0.25
C GLN A 109 0.63 -5.69 -0.89
N VAL A 110 1.54 -4.97 -0.23
CA VAL A 110 2.88 -4.79 -0.77
C VAL A 110 3.64 -6.11 -0.79
N THR A 111 3.51 -6.92 0.26
CA THR A 111 4.13 -8.24 0.27
C THR A 111 3.64 -9.08 -0.90
N LEU A 112 2.33 -9.12 -1.12
CA LEU A 112 1.84 -9.94 -2.23
C LEU A 112 2.39 -9.41 -3.56
N LEU A 113 2.32 -8.11 -3.78
CA LEU A 113 2.82 -7.59 -5.03
C LEU A 113 4.32 -7.85 -5.17
N LYS A 114 5.08 -7.57 -4.10
CA LYS A 114 6.52 -7.79 -4.15
C LYS A 114 6.85 -9.17 -4.69
N TYR A 115 6.25 -10.22 -4.11
CA TYR A 115 6.64 -11.57 -4.46
C TYR A 115 5.81 -12.16 -5.60
N GLY A 116 4.74 -11.51 -6.03
CA GLY A 116 3.91 -12.01 -7.11
C GLY A 116 4.00 -11.33 -8.48
N VAL A 117 4.46 -10.07 -8.57
CA VAL A 117 4.27 -9.37 -9.84
C VAL A 117 5.06 -10.03 -10.96
N HIS A 118 6.27 -10.48 -10.67
CA HIS A 118 7.02 -11.07 -11.77
C HIS A 118 6.40 -12.36 -12.23
N GLU A 119 5.91 -13.20 -11.32
CA GLU A 119 5.22 -14.40 -11.79
C GLU A 119 4.05 -14.01 -12.70
N ALA A 120 3.28 -13.02 -12.30
CA ALA A 120 2.13 -12.61 -13.10
C ALA A 120 2.59 -12.01 -14.42
N ILE A 121 3.64 -11.21 -14.39
CA ILE A 121 4.11 -10.53 -15.58
C ILE A 121 4.61 -11.54 -16.60
N PHE A 122 5.40 -12.52 -16.16
CA PHE A 122 5.84 -13.56 -17.08
C PHE A 122 4.70 -14.44 -17.54
N ALA A 123 3.60 -14.52 -16.79
CA ALA A 123 2.45 -15.23 -17.33
C ALA A 123 1.81 -14.43 -18.46
N MET A 124 1.60 -13.13 -18.22
CA MET A 124 0.89 -12.28 -19.19
C MET A 124 1.71 -12.06 -20.44
N LEU A 125 3.03 -12.18 -20.31
CA LEU A 125 3.93 -11.97 -21.43
C LEU A 125 3.60 -12.87 -22.62
N ALA A 126 3.12 -14.10 -22.34
CA ALA A 126 2.75 -15.01 -23.41
C ALA A 126 1.70 -14.39 -24.31
N SER A 127 0.89 -13.49 -23.77
CA SER A 127 -0.18 -12.91 -24.58
C SER A 127 0.38 -12.10 -25.74
N ILE A 128 1.60 -11.58 -25.61
CA ILE A 128 2.15 -10.71 -26.64
C ILE A 128 3.31 -11.36 -27.37
N VAL A 129 3.46 -12.67 -27.19
CA VAL A 129 4.59 -13.42 -27.69
C VAL A 129 4.12 -14.47 -28.69
N ASN A 130 4.92 -14.69 -29.73
CA ASN A 130 4.82 -15.94 -30.49
C ASN A 130 6.21 -16.55 -30.57
N LYS A 131 6.37 -17.63 -31.35
CA LYS A 131 7.66 -18.30 -31.33
C LYS A 131 8.75 -17.46 -31.96
N ASP A 132 8.41 -16.35 -32.62
CA ASP A 132 9.37 -15.58 -33.38
C ASP A 132 9.71 -14.23 -32.77
N GLY A 133 8.94 -13.74 -31.81
CA GLY A 133 9.29 -12.48 -31.15
C GLY A 133 8.13 -12.03 -30.30
N LEU A 134 8.11 -10.75 -29.98
CA LEU A 134 7.06 -10.20 -29.15
C LEU A 134 6.72 -8.79 -29.59
N LEU A 135 5.49 -8.40 -29.31
CA LEU A 135 5.08 -7.01 -29.52
C LEU A 135 5.73 -6.06 -28.52
N VAL A 136 5.97 -4.84 -28.96
CA VAL A 136 6.51 -3.75 -28.15
C VAL A 136 5.84 -2.46 -28.59
N ALA A 137 5.99 -1.43 -27.74
CA ALA A 137 5.39 -0.12 -27.96
C ALA A 137 3.90 -0.19 -28.29
N ASN A 138 3.14 -0.84 -27.41
N ASN A 138 3.14 -0.85 -27.41
CA ASN A 138 1.69 -0.92 -27.54
CA ASN A 138 1.69 -0.89 -27.54
C ASN A 138 1.28 -1.57 -28.85
C ASN A 138 1.24 -1.63 -28.80
N GLY A 139 2.04 -2.59 -29.27
CA GLY A 139 1.69 -3.32 -30.47
C GLY A 139 2.13 -2.69 -31.79
N SER A 140 2.79 -1.53 -31.77
N SER A 140 2.79 -1.53 -31.77
CA SER A 140 3.26 -0.92 -33.01
CA SER A 140 3.27 -0.92 -33.01
C SER A 140 4.59 -1.51 -33.50
C SER A 140 4.60 -1.47 -33.48
N GLY A 141 5.29 -2.25 -32.65
CA GLY A 141 6.53 -2.88 -33.04
C GLY A 141 6.51 -4.36 -32.70
N PHE A 142 7.42 -5.08 -33.34
CA PHE A 142 7.58 -6.52 -33.10
C PHE A 142 9.08 -6.78 -33.05
N VAL A 143 9.60 -7.19 -31.90
CA VAL A 143 11.01 -7.47 -31.81
C VAL A 143 11.21 -8.97 -31.95
N THR A 144 12.22 -9.35 -32.77
CA THR A 144 12.41 -10.76 -33.07
C THR A 144 13.14 -11.46 -31.93
N ARG A 145 12.67 -12.66 -31.62
CA ARG A 145 13.37 -13.51 -30.67
C ARG A 145 14.83 -13.69 -31.07
N GLU A 146 15.10 -13.81 -32.38
CA GLU A 146 16.47 -14.03 -32.85
C GLU A 146 17.36 -12.82 -32.55
N PHE A 147 16.89 -11.60 -32.82
CA PHE A 147 17.59 -10.42 -32.37
C PHE A 147 17.93 -10.47 -30.88
N LEU A 148 16.92 -10.71 -30.04
CA LEU A 148 17.16 -10.70 -28.60
C LEU A 148 18.17 -11.76 -28.20
N ARG A 149 18.17 -12.91 -28.91
CA ARG A 149 19.20 -13.93 -28.68
C ARG A 149 20.59 -13.39 -28.98
N SER A 150 20.67 -12.41 -29.89
CA SER A 150 21.95 -11.90 -30.37
C SER A 150 22.57 -10.88 -29.43
N LEU A 151 21.84 -10.42 -28.42
CA LEU A 151 22.45 -9.52 -27.46
C LEU A 151 23.53 -10.25 -26.67
N ARG A 152 24.45 -9.47 -26.13
CA ARG A 152 25.57 -10.08 -25.43
C ARG A 152 25.11 -10.54 -24.05
N LYS A 153 25.76 -11.60 -23.58
CA LYS A 153 25.49 -12.06 -22.23
C LYS A 153 25.88 -10.90 -21.34
N PRO A 154 25.21 -10.74 -20.19
CA PRO A 154 24.14 -11.61 -19.65
C PRO A 154 22.72 -11.22 -20.08
N PHE A 155 22.62 -10.30 -21.05
CA PHE A 155 21.30 -9.76 -21.38
C PHE A 155 20.49 -10.74 -22.22
N SER A 156 21.15 -11.51 -23.09
CA SER A 156 20.44 -12.49 -23.90
C SER A 156 19.91 -13.63 -23.03
N ASP A 157 20.67 -14.00 -22.00
CA ASP A 157 20.31 -15.15 -21.16
C ASP A 157 19.08 -14.87 -20.30
N ILE A 158 18.83 -13.61 -19.94
CA ILE A 158 17.67 -13.27 -19.12
C ILE A 158 16.39 -13.28 -19.94
N ILE A 159 16.50 -13.29 -21.25
CA ILE A 159 15.35 -13.15 -22.14
C ILE A 159 14.84 -14.50 -22.62
N GLU A 160 15.72 -15.34 -23.17
CA GLU A 160 15.23 -16.55 -23.83
C GLU A 160 14.38 -17.45 -22.92
N PRO A 161 14.72 -17.66 -21.65
CA PRO A 161 13.88 -18.50 -20.79
C PRO A 161 12.41 -18.12 -20.73
N LYS A 162 12.10 -16.84 -20.83
CA LYS A 162 10.72 -16.38 -20.86
C LYS A 162 10.01 -16.81 -22.12
N PHE A 163 10.71 -16.79 -23.27
CA PHE A 163 10.12 -17.26 -24.51
C PHE A 163 9.73 -18.72 -24.42
N GLU A 164 10.62 -19.55 -23.84
CA GLU A 164 10.34 -20.96 -23.73
C GLU A 164 9.08 -21.20 -22.92
N PHE A 165 8.98 -20.54 -21.77
CA PHE A 165 7.78 -20.74 -20.95
C PHE A 165 6.56 -20.25 -21.70
N ALA A 166 6.71 -19.13 -22.38
CA ALA A 166 5.58 -18.49 -23.06
C ALA A 166 4.98 -19.40 -24.13
N VAL A 167 5.83 -20.03 -24.94
CA VAL A 167 5.33 -20.80 -26.07
C VAL A 167 4.57 -22.01 -25.55
N LYS A 168 5.11 -22.66 -24.52
CA LYS A 168 4.38 -23.73 -23.85
C LYS A 168 3.07 -23.22 -23.23
N PHE A 169 3.12 -22.09 -22.55
CA PHE A 169 1.93 -21.56 -21.92
C PHE A 169 0.87 -21.25 -22.98
N ASN A 170 1.27 -20.69 -24.13
CA ASN A 170 0.30 -20.37 -25.19
C ASN A 170 -0.34 -21.61 -25.81
N ALA A 171 0.26 -22.78 -25.66
CA ALA A 171 -0.38 -24.00 -26.15
C ALA A 171 -1.65 -24.35 -25.37
N LEU A 172 -1.84 -23.78 -24.18
CA LEU A 172 -3.05 -24.07 -23.40
C LEU A 172 -4.25 -23.23 -23.82
N GLU A 173 -4.01 -22.19 -24.63
CA GLU A 173 -5.07 -21.44 -25.33
C GLU A 173 -6.05 -20.77 -24.38
N LEU A 174 -5.51 -20.16 -23.33
CA LEU A 174 -6.35 -19.33 -22.46
C LEU A 174 -6.77 -18.06 -23.20
N ASP A 175 -7.95 -17.55 -22.87
CA ASP A 175 -8.33 -16.21 -23.29
C ASP A 175 -8.20 -15.25 -22.11
N ASP A 176 -8.61 -13.99 -22.32
CA ASP A 176 -8.41 -12.97 -21.31
C ASP A 176 -9.22 -13.27 -20.03
N SER A 177 -10.42 -13.85 -20.18
CA SER A 177 -11.25 -14.16 -19.02
C SER A 177 -10.61 -15.23 -18.14
N ASP A 178 -9.88 -16.19 -18.74
CA ASP A 178 -9.12 -17.15 -17.97
C ASP A 178 -7.94 -16.47 -17.31
N LEU A 179 -7.24 -15.65 -18.08
CA LEU A 179 -6.03 -15.04 -17.57
C LEU A 179 -6.32 -14.18 -16.35
N ALA A 180 -7.44 -13.47 -16.36
CA ALA A 180 -7.76 -12.58 -15.26
C ALA A 180 -7.78 -13.34 -13.93
N LEU A 181 -8.44 -14.50 -13.93
CA LEU A 181 -8.49 -15.34 -12.71
C LEU A 181 -7.13 -15.93 -12.37
N PHE A 182 -6.35 -16.31 -13.40
CA PHE A 182 -5.07 -16.96 -13.17
C PHE A 182 -4.08 -15.97 -12.57
N ILE A 183 -4.05 -14.75 -13.10
CA ILE A 183 -3.21 -13.71 -12.54
C ILE A 183 -3.63 -13.34 -11.13
N ALA A 184 -4.94 -13.31 -10.89
CA ALA A 184 -5.40 -13.04 -9.53
C ALA A 184 -4.94 -14.14 -8.58
N ALA A 185 -5.01 -15.42 -9.00
CA ALA A 185 -4.54 -16.52 -8.17
C ALA A 185 -3.06 -16.40 -7.86
N ILE A 186 -2.26 -15.95 -8.83
CA ILE A 186 -0.83 -15.73 -8.60
C ILE A 186 -0.60 -14.66 -7.54
N ILE A 187 -1.33 -13.54 -7.61
CA ILE A 187 -1.06 -12.43 -6.69
C ILE A 187 -1.52 -12.80 -5.29
N LEU A 188 -2.72 -13.37 -5.18
CA LEU A 188 -3.30 -13.72 -3.87
C LEU A 188 -2.84 -15.12 -3.48
N CYS A 189 -1.58 -15.18 -3.07
CA CYS A 189 -0.88 -16.41 -2.81
C CYS A 189 -0.44 -16.38 -1.36
N GLY A 190 -0.86 -17.36 -0.58
CA GLY A 190 -0.63 -17.34 0.85
C GLY A 190 0.74 -17.76 1.29
N ASP A 191 1.59 -18.24 0.38
CA ASP A 191 2.93 -18.74 0.67
C ASP A 191 3.98 -17.64 0.72
N ARG A 192 3.62 -16.39 0.49
CA ARG A 192 4.65 -15.35 0.31
C ARG A 192 5.32 -15.02 1.64
N PRO A 193 6.63 -14.81 1.65
CA PRO A 193 7.33 -14.58 2.92
C PRO A 193 6.91 -13.28 3.57
N GLY A 194 6.73 -13.34 4.89
CA GLY A 194 6.47 -12.18 5.70
C GLY A 194 5.03 -11.73 5.70
N LEU A 195 4.13 -12.49 5.07
CA LEU A 195 2.72 -12.16 5.14
C LEU A 195 2.27 -12.12 6.58
N MET A 196 1.44 -11.14 6.88
CA MET A 196 0.91 -11.01 8.22
C MET A 196 -0.31 -11.90 8.42
N ASN A 197 -1.31 -11.79 7.55
CA ASN A 197 -2.56 -12.56 7.68
C ASN A 197 -2.59 -13.69 6.66
N VAL A 198 -1.80 -14.73 6.94
CA VAL A 198 -1.75 -15.87 6.03
C VAL A 198 -3.12 -16.51 5.86
N PRO A 199 -3.85 -16.85 6.94
CA PRO A 199 -5.16 -17.49 6.74
C PRO A 199 -6.09 -16.70 5.84
N ARG A 200 -6.13 -15.37 5.98
CA ARG A 200 -7.02 -14.56 5.15
C ARG A 200 -6.63 -14.64 3.67
N VAL A 201 -5.33 -14.56 3.38
CA VAL A 201 -4.88 -14.65 1.98
C VAL A 201 -5.10 -16.06 1.44
N GLU A 202 -4.86 -17.09 2.24
CA GLU A 202 -5.09 -18.45 1.77
C GLU A 202 -6.57 -18.66 1.41
N ALA A 203 -7.47 -18.05 2.16
CA ALA A 203 -8.90 -18.20 1.91
C ALA A 203 -9.34 -17.46 0.63
N ILE A 204 -8.81 -16.25 0.40
CA ILE A 204 -9.06 -15.57 -0.88
C ILE A 204 -8.51 -16.41 -2.04
N GLN A 205 -7.30 -16.96 -1.87
CA GLN A 205 -6.74 -17.74 -2.96
C GLN A 205 -7.64 -18.92 -3.28
N ASP A 206 -8.18 -19.57 -2.25
CA ASP A 206 -9.02 -20.72 -2.49
C ASP A 206 -10.28 -20.37 -3.28
N THR A 207 -10.91 -19.26 -2.96
CA THR A 207 -12.06 -18.80 -3.73
C THR A 207 -11.70 -18.55 -5.19
N ILE A 208 -10.57 -17.89 -5.43
CA ILE A 208 -10.12 -17.63 -6.80
C ILE A 208 -9.86 -18.95 -7.54
N LEU A 209 -9.19 -19.90 -6.88
CA LEU A 209 -8.94 -21.18 -7.54
C LEU A 209 -10.25 -21.93 -7.83
N ARG A 210 -11.18 -21.95 -6.87
CA ARG A 210 -12.48 -22.55 -7.15
C ARG A 210 -13.15 -21.86 -8.34
N ALA A 211 -13.12 -20.52 -8.34
CA ALA A 211 -13.72 -19.77 -9.44
C ALA A 211 -13.07 -20.12 -10.76
N LEU A 212 -11.76 -20.26 -10.75
CA LEU A 212 -11.02 -20.57 -11.97
C LEU A 212 -11.45 -21.92 -12.50
N GLU A 213 -11.56 -22.92 -11.62
CA GLU A 213 -11.99 -24.22 -12.14
C GLU A 213 -13.42 -24.16 -12.66
N PHE A 214 -14.31 -23.50 -11.93
CA PHE A 214 -15.67 -23.31 -12.41
C PHE A 214 -15.65 -22.63 -13.79
N HIS A 215 -14.81 -21.62 -13.94
CA HIS A 215 -14.77 -20.88 -15.20
C HIS A 215 -14.30 -21.77 -16.35
N LEU A 216 -13.21 -22.51 -16.14
CA LEU A 216 -12.66 -23.36 -17.18
C LEU A 216 -13.62 -24.46 -17.57
N GLN A 217 -14.46 -24.91 -16.65
CA GLN A 217 -15.47 -25.91 -17.02
C GLN A 217 -16.43 -25.32 -18.04
N ALA A 218 -16.89 -24.09 -17.80
CA ALA A 218 -17.77 -23.45 -18.77
C ALA A 218 -16.99 -23.04 -20.02
N ASN A 219 -15.88 -22.34 -19.84
CA ASN A 219 -15.21 -21.71 -20.98
C ASN A 219 -14.47 -22.73 -21.85
N HIS A 220 -13.99 -23.84 -21.28
CA HIS A 220 -13.21 -24.83 -22.02
C HIS A 220 -13.81 -26.20 -21.74
N PRO A 221 -14.98 -26.49 -22.29
CA PRO A 221 -15.71 -27.71 -21.91
C PRO A 221 -14.98 -28.99 -22.27
N ASP A 222 -14.15 -28.97 -23.31
CA ASP A 222 -13.54 -30.16 -23.85
C ASP A 222 -12.07 -30.33 -23.43
N ALA A 223 -11.49 -29.37 -22.74
CA ALA A 223 -10.08 -29.44 -22.37
C ALA A 223 -9.96 -30.11 -21.01
N GLN A 224 -9.59 -31.37 -21.02
CA GLN A 224 -9.41 -32.11 -19.78
C GLN A 224 -8.02 -31.89 -19.25
N TYR A 225 -7.93 -31.77 -17.93
CA TYR A 225 -6.71 -31.59 -17.16
C TYR A 225 -6.19 -30.17 -17.25
N LEU A 226 -6.99 -29.24 -17.77
CA LEU A 226 -6.49 -27.87 -17.92
C LEU A 226 -6.33 -27.19 -16.57
N PHE A 227 -7.25 -27.41 -15.62
CA PHE A 227 -7.07 -26.83 -14.29
C PHE A 227 -5.79 -27.32 -13.63
N PRO A 228 -5.58 -28.63 -13.41
CA PRO A 228 -4.29 -29.06 -12.83
C PRO A 228 -3.09 -28.66 -13.66
N LYS A 229 -3.22 -28.65 -14.98
CA LYS A 229 -2.18 -28.08 -15.83
C LYS A 229 -1.81 -26.68 -15.37
N LEU A 230 -2.83 -25.82 -15.19
CA LEU A 230 -2.55 -24.46 -14.77
C LEU A 230 -1.96 -24.39 -13.37
N LEU A 231 -2.33 -25.31 -12.46
CA LEU A 231 -1.71 -25.25 -11.14
C LEU A 231 -0.23 -25.51 -11.24
N GLN A 232 0.17 -26.41 -12.14
CA GLN A 232 1.58 -26.68 -12.38
C GLN A 232 2.31 -25.49 -12.99
N LYS A 233 1.67 -24.75 -13.91
CA LYS A 233 2.27 -23.52 -14.45
C LYS A 233 2.55 -22.51 -13.35
N MET A 234 1.68 -22.44 -12.33
N MET A 234 1.69 -22.43 -12.33
CA MET A 234 1.95 -21.56 -11.20
CA MET A 234 1.97 -21.55 -11.20
C MET A 234 3.20 -21.98 -10.46
C MET A 234 3.22 -21.99 -10.47
N ALA A 235 3.40 -23.29 -10.28
CA ALA A 235 4.65 -23.78 -9.69
C ALA A 235 5.83 -23.43 -10.58
N ASP A 236 5.69 -23.68 -11.90
CA ASP A 236 6.73 -23.38 -12.88
C ASP A 236 7.12 -21.92 -12.85
N LEU A 237 6.13 -21.05 -12.68
CA LEU A 237 6.41 -19.61 -12.70
C LEU A 237 7.25 -19.20 -11.49
N ARG A 238 7.07 -19.88 -10.35
CA ARG A 238 7.92 -19.60 -9.18
C ARG A 238 9.37 -19.92 -9.47
N GLN A 239 9.62 -21.01 -10.20
CA GLN A 239 10.99 -21.34 -10.54
C GLN A 239 11.52 -20.38 -11.60
N LEU A 240 10.68 -19.95 -12.54
CA LEU A 240 11.15 -18.99 -13.53
C LEU A 240 11.59 -17.69 -12.87
N VAL A 241 10.84 -17.23 -11.86
CA VAL A 241 11.16 -15.99 -11.18
C VAL A 241 12.39 -16.16 -10.29
N THR A 242 12.52 -17.29 -9.60
CA THR A 242 13.76 -17.55 -8.86
C THR A 242 14.97 -17.36 -9.76
N GLU A 243 14.96 -18.03 -10.89
CA GLU A 243 16.10 -17.95 -11.78
C GLU A 243 16.26 -16.53 -12.32
N HIS A 244 15.16 -15.84 -12.55
CA HIS A 244 15.24 -14.47 -13.02
C HIS A 244 15.89 -13.56 -11.98
N ALA A 245 15.48 -13.71 -10.71
CA ALA A 245 16.05 -12.88 -9.65
C ALA A 245 17.52 -13.16 -9.49
N GLN A 246 17.92 -14.43 -9.65
CA GLN A 246 19.34 -14.73 -9.59
C GLN A 246 20.11 -14.05 -10.72
N MET A 247 19.56 -14.08 -11.94
CA MET A 247 20.25 -13.43 -13.06
C MET A 247 20.35 -11.93 -12.84
N MET A 248 19.30 -11.32 -12.27
CA MET A 248 19.34 -9.88 -11.98
C MET A 248 20.36 -9.55 -10.90
N GLN A 249 20.60 -10.44 -9.94
CA GLN A 249 21.66 -10.18 -8.98
C GLN A 249 23.03 -10.26 -9.64
N ARG A 250 23.19 -11.17 -10.59
CA ARG A 250 24.45 -11.24 -11.31
C ARG A 250 24.67 -9.98 -12.15
N ILE A 251 23.61 -9.41 -12.71
CA ILE A 251 23.76 -8.18 -13.48
C ILE A 251 24.12 -7.01 -12.57
N LYS A 252 23.49 -6.94 -11.40
CA LYS A 252 23.84 -5.92 -10.42
C LYS A 252 25.30 -6.02 -10.04
N LYS A 253 25.86 -7.23 -10.01
CA LYS A 253 27.22 -7.40 -9.55
C LYS A 253 28.23 -7.13 -10.66
N THR A 254 27.95 -7.57 -11.89
CA THR A 254 28.94 -7.50 -12.96
C THR A 254 28.69 -6.40 -13.99
N GLU A 255 27.48 -5.86 -14.09
CA GLU A 255 27.20 -4.77 -15.05
C GLU A 255 26.95 -3.48 -14.27
N THR A 256 28.03 -2.99 -13.65
CA THR A 256 27.89 -1.90 -12.69
C THR A 256 27.50 -0.59 -13.35
N GLU A 257 27.71 -0.45 -14.67
CA GLU A 257 27.31 0.73 -15.40
C GLU A 257 25.84 0.73 -15.81
N THR A 258 25.13 -0.38 -15.59
CA THR A 258 23.75 -0.49 -16.02
C THR A 258 22.85 -0.03 -14.89
N SER A 259 21.89 0.84 -15.20
CA SER A 259 21.04 1.46 -14.18
C SER A 259 19.80 0.60 -13.91
N LEU A 260 19.56 0.29 -12.64
CA LEU A 260 18.49 -0.59 -12.24
C LEU A 260 17.42 0.23 -11.53
N HIS A 261 16.21 0.12 -12.01
CA HIS A 261 15.12 0.90 -11.44
C HIS A 261 14.98 0.59 -9.96
N PRO A 262 14.83 1.60 -9.10
CA PRO A 262 14.84 1.34 -7.64
C PRO A 262 13.61 0.57 -7.15
N LEU A 263 12.48 0.64 -7.85
CA LEU A 263 11.34 -0.20 -7.49
C LEU A 263 11.67 -1.67 -7.68
N LEU A 264 12.35 -1.99 -8.79
CA LEU A 264 12.70 -3.38 -9.04
C LEU A 264 13.74 -3.87 -8.05
N GLN A 265 14.69 -3.03 -7.65
CA GLN A 265 15.66 -3.44 -6.64
C GLN A 265 15.01 -3.64 -5.26
N GLU A 266 13.96 -2.88 -4.96
CA GLU A 266 13.20 -3.18 -3.75
C GLU A 266 12.54 -4.57 -3.86
N ILE A 267 12.08 -4.94 -5.06
CA ILE A 267 11.47 -6.26 -5.25
C ILE A 267 12.48 -7.36 -5.02
N TYR A 268 13.72 -7.20 -5.54
CA TYR A 268 14.74 -8.25 -5.42
C TYR A 268 15.50 -8.21 -4.09
N LYS A 269 15.30 -7.18 -3.27
CA LYS A 269 16.13 -6.96 -2.08
C LYS A 269 16.32 -8.25 -1.28
N ASP A 270 15.23 -8.87 -0.86
CA ASP A 270 15.30 -10.02 0.02
C ASP A 270 14.90 -11.32 -0.69
N MET A 271 15.39 -11.51 -1.91
CA MET A 271 15.16 -12.74 -2.66
C MET A 271 16.45 -13.55 -2.70
N TYR A 272 16.31 -14.86 -2.74
CA TYR A 272 17.45 -15.77 -2.87
C TYR A 272 17.05 -17.06 -3.60
N PRO B 1 -1.47 33.48 -7.41
CA PRO B 1 -1.93 32.13 -7.74
C PRO B 1 -1.66 31.11 -6.63
N GLN B 2 -0.46 31.17 -6.05
CA GLN B 2 -0.10 30.22 -5.00
C GLN B 2 -1.20 30.15 -3.94
N VAL B 3 -1.60 31.31 -3.42
CA VAL B 3 -2.55 31.35 -2.31
C VAL B 3 -3.88 30.72 -2.72
N ALA B 4 -4.30 30.93 -3.98
CA ALA B 4 -5.59 30.45 -4.44
C ALA B 4 -5.57 28.94 -4.65
N ASP B 5 -4.56 28.42 -5.37
CA ASP B 5 -4.52 27.00 -5.63
C ASP B 5 -4.42 26.21 -4.32
N LEU B 6 -3.57 26.67 -3.41
CA LEU B 6 -3.41 25.97 -2.14
C LEU B 6 -4.70 25.94 -1.34
N LYS B 7 -5.59 26.91 -1.56
CA LYS B 7 -6.86 26.92 -0.84
C LYS B 7 -7.72 25.74 -1.27
N ALA B 8 -7.79 25.49 -2.58
CA ALA B 8 -8.54 24.34 -3.09
C ALA B 8 -7.89 23.02 -2.68
N PHE B 9 -6.55 22.97 -2.71
CA PHE B 9 -5.84 21.81 -2.16
C PHE B 9 -6.24 21.56 -0.71
N SER B 10 -6.26 22.62 0.11
CA SER B 10 -6.61 22.44 1.51
C SER B 10 -8.01 21.87 1.65
N LYS B 11 -8.93 22.27 0.76
CA LYS B 11 -10.31 21.84 0.90
C LYS B 11 -10.48 20.36 0.54
N HIS B 12 -9.71 19.87 -0.43
N HIS B 12 -9.71 19.87 -0.43
CA HIS B 12 -9.76 18.45 -0.77
CA HIS B 12 -9.78 18.45 -0.75
C HIS B 12 -9.24 17.60 0.39
C HIS B 12 -9.24 17.59 0.39
N ILE B 13 -8.18 18.06 1.05
CA ILE B 13 -7.68 17.35 2.22
C ILE B 13 -8.71 17.35 3.35
N TYR B 14 -9.36 18.49 3.58
CA TYR B 14 -10.43 18.53 4.58
C TYR B 14 -11.53 17.54 4.26
N ASN B 15 -11.91 17.44 2.98
CA ASN B 15 -12.97 16.52 2.62
C ASN B 15 -12.55 15.07 2.87
N ALA B 16 -11.29 14.75 2.54
CA ALA B 16 -10.75 13.43 2.86
C ALA B 16 -10.86 13.13 4.34
N TYR B 17 -10.58 14.14 5.17
CA TYR B 17 -10.68 14.00 6.62
C TYR B 17 -12.11 13.74 7.05
N LEU B 18 -13.05 14.58 6.62
CA LEU B 18 -14.45 14.44 7.03
C LEU B 18 -15.05 13.12 6.53
N LYS B 19 -14.53 12.58 5.44
CA LYS B 19 -15.03 11.31 4.92
C LYS B 19 -14.50 10.09 5.67
N ASN B 20 -13.37 10.19 6.34
CA ASN B 20 -12.71 8.99 6.82
C ASN B 20 -12.61 8.86 8.33
N PHE B 21 -12.69 9.92 9.10
CA PHE B 21 -12.52 9.81 10.53
C PHE B 21 -13.87 9.69 11.24
N ASN B 22 -13.92 8.78 12.21
CA ASN B 22 -15.22 8.45 12.81
C ASN B 22 -15.69 9.56 13.72
N MET B 23 -14.77 10.25 14.39
CA MET B 23 -15.17 11.40 15.16
C MET B 23 -14.32 12.59 14.81
N THR B 24 -14.96 13.74 14.68
CA THR B 24 -14.30 15.02 14.48
C THR B 24 -13.95 15.66 15.82
N LYS B 25 -12.99 16.56 15.79
CA LYS B 25 -12.76 17.37 17.00
C LYS B 25 -14.01 18.13 17.38
N LYS B 26 -14.73 18.65 16.38
CA LYS B 26 -15.95 19.40 16.68
C LYS B 26 -16.93 18.55 17.50
N LYS B 27 -17.14 17.31 17.08
CA LYS B 27 -18.08 16.47 17.82
C LYS B 27 -17.50 16.17 19.19
N ALA B 28 -16.26 15.72 19.24
CA ALA B 28 -15.60 15.41 20.50
C ALA B 28 -15.69 16.56 21.51
N ARG B 29 -15.42 17.79 21.08
CA ARG B 29 -15.50 18.91 22.04
C ARG B 29 -16.92 19.12 22.55
N SER B 30 -17.92 18.99 21.67
CA SER B 30 -19.29 19.18 22.11
C SER B 30 -19.67 18.16 23.17
N ILE B 31 -19.17 16.93 23.03
CA ILE B 31 -19.42 15.93 24.07
C ILE B 31 -18.64 16.29 25.33
N LEU B 32 -17.34 16.53 25.20
CA LEU B 32 -16.51 16.79 26.37
C LEU B 32 -16.97 18.04 27.12
N THR B 33 -17.56 19.03 26.44
CA THR B 33 -18.00 20.22 27.15
C THR B 33 -19.46 20.16 27.58
N GLY B 34 -20.22 19.16 27.14
CA GLY B 34 -21.63 19.06 27.49
C GLY B 34 -22.60 19.74 26.53
N LYS B 35 -22.13 20.27 25.42
CA LYS B 35 -22.99 20.97 24.46
C LYS B 35 -23.65 20.01 23.45
N ALA B 36 -24.20 18.91 23.95
CA ALA B 36 -24.85 17.91 23.09
C ALA B 36 -25.82 17.04 23.91
N ALA B 40 -25.09 12.10 28.05
CA ALA B 40 -23.70 12.30 28.47
C ALA B 40 -22.92 10.99 28.58
N PRO B 41 -21.61 11.03 28.38
CA PRO B 41 -20.85 9.78 28.41
C PRO B 41 -20.78 9.19 29.81
N PHE B 42 -20.83 7.87 29.88
CA PHE B 42 -20.64 7.15 31.14
C PHE B 42 -19.20 7.32 31.61
N VAL B 43 -19.02 7.69 32.88
CA VAL B 43 -17.68 7.93 33.40
C VAL B 43 -17.08 6.66 33.96
N ILE B 44 -15.94 6.28 33.43
CA ILE B 44 -15.18 5.12 33.89
C ILE B 44 -14.02 5.65 34.71
N HIS B 45 -14.07 5.41 36.02
CA HIS B 45 -13.06 5.93 36.90
C HIS B 45 -12.51 4.91 37.89
N ASP B 46 -12.91 3.64 37.82
CA ASP B 46 -12.43 2.63 38.75
C ASP B 46 -12.82 1.27 38.18
N ILE B 47 -12.48 0.21 38.90
CA ILE B 47 -12.75 -1.13 38.40
C ILE B 47 -14.26 -1.34 38.23
N GLU B 48 -15.07 -0.91 39.19
CA GLU B 48 -16.52 -1.16 39.12
C GLU B 48 -17.14 -0.52 37.89
N THR B 49 -16.81 0.74 37.60
CA THR B 49 -17.40 1.36 36.43
C THR B 49 -16.81 0.84 35.13
N LEU B 50 -15.55 0.43 35.12
CA LEU B 50 -15.01 -0.25 33.96
C LEU B 50 -15.86 -1.48 33.66
N TRP B 51 -16.10 -2.30 34.69
CA TRP B 51 -16.91 -3.48 34.45
C TRP B 51 -18.30 -3.09 34.00
N GLN B 52 -18.91 -2.10 34.65
CA GLN B 52 -20.25 -1.68 34.24
C GLN B 52 -20.26 -1.25 32.79
N ALA B 53 -19.18 -0.62 32.34
CA ALA B 53 -19.12 -0.14 30.97
C ALA B 53 -18.96 -1.31 30.00
N GLU B 54 -18.22 -2.35 30.38
N GLU B 54 -18.13 -2.29 30.33
CA GLU B 54 -18.07 -3.52 29.53
CA GLU B 54 -17.95 -3.45 29.47
C GLU B 54 -19.36 -4.32 29.47
C GLU B 54 -19.23 -4.22 29.27
N LYS B 55 -20.10 -4.40 30.57
N LYS B 55 -20.28 -3.92 30.03
CA LYS B 55 -21.22 -5.34 30.64
CA LYS B 55 -21.58 -4.54 29.84
C LYS B 55 -22.49 -4.78 30.00
C LYS B 55 -22.64 -3.57 29.36
N GLY B 56 -22.43 -3.66 29.29
N GLY B 56 -22.44 -2.28 29.57
CA GLY B 56 -23.58 -3.23 28.52
CA GLY B 56 -23.43 -1.29 29.18
C GLY B 56 -23.84 -1.73 28.51
C GLY B 56 -23.11 -0.59 27.87
N LEU B 57 -23.28 -1.00 29.47
N LEU B 57 -21.87 -0.18 27.67
CA LEU B 57 -23.48 0.44 29.51
CA LEU B 57 -21.53 0.55 26.45
C LEU B 57 -22.79 1.15 28.37
C LEU B 57 -21.22 -0.40 25.30
N VAL B 58 -21.65 0.64 27.94
N VAL B 58 -21.51 0.07 24.08
CA VAL B 58 -20.91 1.23 26.82
CA VAL B 58 -21.22 -0.69 22.87
C VAL B 58 -20.72 0.19 25.74
C VAL B 58 -19.86 -0.26 22.32
N TRP B 59 -20.04 -0.91 26.07
N TRP B 59 -19.00 -1.23 22.10
CA TRP B 59 -19.84 -2.01 25.15
CA TRP B 59 -17.63 -1.00 21.67
C TRP B 59 -20.99 -3.02 25.32
C TRP B 59 -17.46 -1.53 20.26
N LYS B 60 -21.77 -3.21 24.26
N LYS B 60 -16.64 -0.83 19.47
CA LYS B 60 -23.05 -3.90 24.36
CA LYS B 60 -16.43 -1.27 18.09
C LYS B 60 -22.83 -5.40 24.24
C LYS B 60 -15.92 -2.70 18.06
N GLN B 61 -22.51 -6.02 25.38
N GLN B 61 -14.97 -3.03 18.93
CA GLN B 61 -22.53 -7.47 25.52
CA GLN B 61 -14.47 -4.39 19.07
C GLN B 61 -21.44 -8.22 24.75
C GLN B 61 -15.15 -5.07 20.24
N LEU B 62 -21.34 -7.94 23.46
N LEU B 62 -15.78 -6.19 19.96
CA LEU B 62 -21.02 -8.99 22.49
CA LEU B 62 -16.52 -6.91 20.97
C LEU B 62 -19.71 -9.69 22.81
C LEU B 62 -15.55 -7.49 21.99
N VAL B 63 -19.58 -10.90 22.25
N VAL B 63 -15.99 -7.53 23.25
CA VAL B 63 -18.53 -11.84 22.59
CA VAL B 63 -15.10 -7.82 24.37
C VAL B 63 -17.22 -11.29 22.03
C VAL B 63 -14.42 -9.16 24.17
N ASN B 64 -16.30 -10.92 22.93
N ASN B 64 -15.11 -10.12 23.56
CA ASN B 64 -15.21 -10.05 22.56
CA ASN B 64 -14.47 -11.36 23.16
C ASN B 64 -14.01 -10.83 22.03
C ASN B 64 -13.53 -11.15 21.98
N GLY B 65 -13.46 -10.32 20.93
N GLY B 65 -13.68 -10.05 21.25
CA GLY B 65 -12.22 -10.84 20.36
CA GLY B 65 -12.71 -9.69 20.23
C GLY B 65 -11.01 -10.08 20.85
C GLY B 65 -11.36 -9.35 20.82
N LEU B 66 -11.19 -9.28 21.91
N LEU B 66 -11.33 -8.85 22.04
CA LEU B 66 -10.02 -8.83 22.65
CA LEU B 66 -10.07 -8.64 22.74
C LEU B 66 -9.24 -10.08 23.08
C LEU B 66 -9.38 -9.97 22.96
N PRO B 67 -7.92 -10.01 23.15
N PRO B 67 -8.06 -9.97 23.12
CA PRO B 67 -7.16 -11.18 23.62
CA PRO B 67 -7.35 -11.18 23.53
C PRO B 67 -7.71 -11.66 24.95
C PRO B 67 -7.91 -11.68 24.86
N PRO B 68 -7.58 -12.95 25.25
N PRO B 68 -7.66 -12.94 25.22
CA PRO B 68 -8.21 -13.47 26.48
CA PRO B 68 -8.24 -13.47 26.47
C PRO B 68 -7.81 -12.68 27.70
C PRO B 68 -7.82 -12.66 27.69
N TYR B 69 -8.73 -12.59 28.66
CA TYR B 69 -8.55 -11.70 29.80
C TYR B 69 -7.33 -12.10 30.63
N LYS B 70 -6.58 -11.09 31.08
CA LYS B 70 -5.45 -11.33 31.98
C LYS B 70 -5.62 -10.60 33.32
N GLU B 71 -5.87 -9.29 33.33
CA GLU B 71 -5.96 -8.46 34.54
C GLU B 71 -6.37 -7.06 34.10
N ILE B 72 -6.73 -6.22 35.07
CA ILE B 72 -7.30 -4.90 34.78
C ILE B 72 -6.38 -4.05 33.92
N SER B 73 -5.10 -3.93 34.31
CA SER B 73 -4.19 -3.05 33.57
C SER B 73 -4.00 -3.54 32.14
N VAL B 74 -3.95 -4.87 31.95
CA VAL B 74 -3.74 -5.41 30.61
C VAL B 74 -5.01 -5.30 29.80
N HIS B 75 -6.16 -5.46 30.45
CA HIS B 75 -7.42 -5.31 29.75
C HIS B 75 -7.55 -3.92 29.18
N VAL B 76 -7.16 -2.90 29.96
CA VAL B 76 -7.16 -1.53 29.48
C VAL B 76 -6.19 -1.36 28.33
N PHE B 77 -5.00 -1.98 28.43
CA PHE B 77 -4.05 -1.94 27.32
C PHE B 77 -4.63 -2.54 26.05
N TYR B 78 -5.38 -3.64 26.20
CA TYR B 78 -6.01 -4.25 25.04
C TYR B 78 -7.03 -3.31 24.38
N ARG B 79 -7.78 -2.56 25.19
CA ARG B 79 -8.71 -1.58 24.61
C ARG B 79 -7.93 -0.47 23.91
N CYS B 80 -6.84 -0.02 24.54
CA CYS B 80 -5.95 0.96 23.90
C CYS B 80 -5.46 0.44 22.57
N GLN B 81 -5.08 -0.84 22.52
CA GLN B 81 -4.52 -1.42 21.32
C GLN B 81 -5.58 -1.55 20.22
N THR B 83 -8.28 0.32 19.80
CA THR B 83 -8.58 1.62 19.28
C THR B 83 -7.42 2.14 18.43
N THR B 84 -6.18 1.81 18.82
CA THR B 84 -5.03 2.27 18.01
C THR B 84 -5.11 1.67 16.61
N VAL B 85 -5.32 0.35 16.53
CA VAL B 85 -5.43 -0.31 15.24
C VAL B 85 -6.58 0.28 14.40
N GLU B 86 -7.72 0.56 15.04
N GLU B 86 -7.72 0.58 15.03
CA GLU B 86 -8.84 1.16 14.33
CA GLU B 86 -8.83 1.15 14.28
C GLU B 86 -8.46 2.53 13.76
C GLU B 86 -8.47 2.54 13.75
N THR B 87 -7.71 3.33 14.52
CA THR B 87 -7.28 4.64 14.03
C THR B 87 -6.24 4.51 12.92
N VAL B 88 -5.37 3.49 12.99
CA VAL B 88 -4.48 3.22 11.86
C VAL B 88 -5.29 2.98 10.61
N ARG B 89 -6.37 2.18 10.70
CA ARG B 89 -7.19 1.93 9.53
C ARG B 89 -7.79 3.23 8.99
N GLU B 90 -8.29 4.10 9.87
CA GLU B 90 -8.87 5.36 9.39
C GLU B 90 -7.80 6.22 8.74
N LEU B 91 -6.65 6.34 9.40
CA LEU B 91 -5.56 7.14 8.86
C LEU B 91 -5.12 6.64 7.50
N THR B 92 -5.09 5.31 7.31
CA THR B 92 -4.73 4.73 6.04
C THR B 92 -5.73 5.14 4.97
N GLU B 93 -7.02 5.10 5.28
CA GLU B 93 -8.03 5.50 4.30
C GLU B 93 -7.98 7.02 4.06
N PHE B 94 -7.75 7.81 5.09
CA PHE B 94 -7.49 9.25 4.88
C PHE B 94 -6.35 9.49 3.89
N ALA B 95 -5.21 8.86 4.13
CA ALA B 95 -4.07 9.04 3.23
C ALA B 95 -4.42 8.61 1.83
N LYS B 96 -5.07 7.46 1.70
CA LYS B 96 -5.44 6.96 0.37
C LYS B 96 -6.38 7.93 -0.35
N SER B 97 -7.11 8.75 0.38
CA SER B 97 -8.05 9.68 -0.26
C SER B 97 -7.36 10.98 -0.64
N ILE B 98 -6.06 11.09 -0.40
CA ILE B 98 -5.26 12.24 -0.85
C ILE B 98 -4.60 11.84 -2.17
N PRO B 99 -4.94 12.48 -3.32
CA PRO B 99 -4.40 11.97 -4.60
C PRO B 99 -2.88 11.89 -4.64
N SER B 100 -2.16 12.89 -4.12
CA SER B 100 -0.71 12.84 -4.17
C SER B 100 -0.15 11.69 -3.32
N PHE B 101 -0.86 11.25 -2.29
CA PHE B 101 -0.39 10.07 -1.56
C PHE B 101 -0.65 8.82 -2.38
N SER B 102 -1.85 8.69 -2.94
CA SER B 102 -2.23 7.47 -3.66
C SER B 102 -1.44 7.29 -4.94
N SER B 103 -0.84 8.36 -5.44
CA SER B 103 -0.03 8.28 -6.65
C SER B 103 1.36 7.76 -6.40
N LEU B 104 1.79 7.76 -5.14
CA LEU B 104 3.05 7.13 -4.76
C LEU B 104 2.99 5.64 -4.97
N PHE B 105 4.13 5.04 -5.22
CA PHE B 105 4.17 3.59 -5.27
C PHE B 105 3.76 3.03 -3.90
N LEU B 106 3.09 1.89 -3.94
CA LEU B 106 2.49 1.33 -2.74
C LEU B 106 3.52 1.11 -1.63
N ASN B 107 4.75 0.75 -1.99
CA ASN B 107 5.76 0.53 -0.96
C ASN B 107 6.15 1.80 -0.24
N ASP B 108 6.17 2.94 -0.94
CA ASP B 108 6.34 4.20 -0.24
C ASP B 108 5.13 4.57 0.60
N GLN B 109 3.92 4.22 0.16
CA GLN B 109 2.75 4.46 1.00
C GLN B 109 2.89 3.76 2.35
N VAL B 110 3.24 2.48 2.32
CA VAL B 110 3.45 1.71 3.55
C VAL B 110 4.53 2.35 4.42
N THR B 111 5.63 2.77 3.80
CA THR B 111 6.74 3.36 4.54
C THR B 111 6.32 4.62 5.26
N LEU B 112 5.56 5.49 4.59
CA LEU B 112 5.05 6.69 5.23
C LEU B 112 4.09 6.35 6.38
N LEU B 113 3.18 5.40 6.16
CA LEU B 113 2.27 5.06 7.24
C LEU B 113 3.03 4.39 8.38
N LYS B 114 3.94 3.49 8.06
CA LYS B 114 4.69 2.78 9.10
C LYS B 114 5.34 3.76 10.07
N TYR B 115 6.06 4.75 9.54
CA TYR B 115 6.77 5.67 10.40
C TYR B 115 5.95 6.91 10.79
N GLY B 116 4.78 7.11 10.21
CA GLY B 116 4.02 8.31 10.50
C GLY B 116 2.72 8.14 11.28
N VAL B 117 2.11 6.94 11.30
CA VAL B 117 0.77 6.85 11.88
C VAL B 117 0.77 7.22 13.37
N HIS B 118 1.78 6.77 14.13
CA HIS B 118 1.75 7.06 15.57
C HIS B 118 1.87 8.56 15.83
N GLU B 119 2.69 9.27 15.07
CA GLU B 119 2.71 10.73 15.21
C GLU B 119 1.34 11.31 14.95
N ALA B 120 0.71 10.86 13.88
CA ALA B 120 -0.60 11.41 13.51
C ALA B 120 -1.65 11.06 14.56
N ILE B 121 -1.65 9.79 14.98
CA ILE B 121 -2.57 9.33 16.02
C ILE B 121 -2.44 10.18 17.28
N PHE B 122 -1.21 10.43 17.75
CA PHE B 122 -1.11 11.15 19.01
C PHE B 122 -1.49 12.62 18.84
N ALA B 123 -1.36 13.18 17.64
CA ALA B 123 -1.92 14.52 17.41
C ALA B 123 -3.44 14.49 17.43
N MET B 124 -4.05 13.51 16.78
CA MET B 124 -5.50 13.43 16.68
C MET B 124 -6.13 13.07 18.03
N LEU B 125 -5.37 12.37 18.85
CA LEU B 125 -5.80 11.99 20.19
C LEU B 125 -6.22 13.19 21.02
N ALA B 126 -5.48 14.31 20.91
CA ALA B 126 -5.82 15.51 21.65
C ALA B 126 -7.25 15.92 21.45
N SER B 127 -7.83 15.58 20.31
CA SER B 127 -9.19 16.00 20.00
C SER B 127 -10.21 15.41 20.97
N ILE B 128 -9.95 14.21 21.49
CA ILE B 128 -10.90 13.54 22.39
C ILE B 128 -10.45 13.58 23.86
N VAL B 129 -9.50 14.47 24.18
CA VAL B 129 -8.80 14.51 25.46
C VAL B 129 -9.08 15.85 26.12
N ASN B 130 -9.28 15.83 27.44
CA ASN B 130 -9.09 17.07 28.21
C ASN B 130 -8.20 16.77 29.40
N LYS B 131 -8.00 17.77 30.26
CA LYS B 131 -7.07 17.58 31.35
C LYS B 131 -7.52 16.47 32.29
N ASP B 132 -8.78 16.05 32.21
CA ASP B 132 -9.32 15.09 33.16
C ASP B 132 -9.53 13.67 32.62
N GLY B 133 -9.36 13.45 31.32
CA GLY B 133 -9.57 12.12 30.76
C GLY B 133 -9.84 12.20 29.27
N LEU B 134 -10.38 11.10 28.73
CA LEU B 134 -10.61 11.05 27.28
C LEU B 134 -11.85 10.23 26.99
N LEU B 135 -12.40 10.50 25.82
CA LEU B 135 -13.59 9.82 25.34
C LEU B 135 -13.21 8.44 24.83
N VAL B 136 -14.10 7.47 25.05
CA VAL B 136 -13.95 6.11 24.56
C VAL B 136 -15.29 5.64 23.98
N ALA B 137 -15.24 4.53 23.24
CA ALA B 137 -16.43 3.93 22.66
C ALA B 137 -17.27 4.97 21.91
N ASN B 138 -16.64 5.62 20.93
CA ASN B 138 -17.37 6.55 20.09
C ASN B 138 -18.00 7.67 20.91
N GLY B 139 -17.36 8.11 21.99
CA GLY B 139 -17.92 9.23 22.72
C GLY B 139 -18.98 8.86 23.74
N SER B 140 -19.25 7.59 23.93
CA SER B 140 -20.28 7.19 24.90
C SER B 140 -19.71 6.90 26.27
N GLY B 141 -18.38 6.81 26.40
CA GLY B 141 -17.73 6.69 27.68
C GLY B 141 -16.65 7.74 27.82
N PHE B 142 -16.32 8.04 29.07
CA PHE B 142 -15.21 8.95 29.40
C PHE B 142 -14.39 8.25 30.47
N VAL B 143 -13.11 7.97 30.18
CA VAL B 143 -12.23 7.33 31.14
C VAL B 143 -11.34 8.39 31.75
N THR B 144 -11.30 8.43 33.08
CA THR B 144 -10.54 9.46 33.76
C THR B 144 -9.03 9.23 33.68
N ARG B 145 -8.32 10.34 33.58
CA ARG B 145 -6.88 10.30 33.61
C ARG B 145 -6.37 9.72 34.93
N GLU B 146 -7.00 10.12 36.04
CA GLU B 146 -6.62 9.57 37.35
C GLU B 146 -6.72 8.05 37.36
N PHE B 147 -7.83 7.49 36.86
CA PHE B 147 -7.92 6.04 36.75
C PHE B 147 -6.77 5.48 35.92
N LEU B 148 -6.52 6.05 34.75
CA LEU B 148 -5.43 5.53 33.93
C LEU B 148 -4.11 5.62 34.66
N ARG B 149 -3.92 6.63 35.51
CA ARG B 149 -2.71 6.72 36.35
C ARG B 149 -2.65 5.60 37.38
N SER B 150 -3.81 5.16 37.90
CA SER B 150 -3.88 4.10 38.90
C SER B 150 -3.42 2.74 38.37
N LEU B 151 -3.32 2.58 37.05
CA LEU B 151 -2.93 1.29 36.51
C LEU B 151 -1.48 1.01 36.84
N ARG B 152 -1.07 -0.24 36.72
CA ARG B 152 0.27 -0.54 37.20
C ARG B 152 1.27 -0.23 36.09
N LYS B 153 2.50 0.05 36.49
CA LYS B 153 3.54 0.20 35.52
C LYS B 153 3.64 -1.15 34.85
N PRO B 154 3.95 -1.17 33.57
CA PRO B 154 4.34 -0.08 32.67
C PRO B 154 3.19 0.60 31.93
N PHE B 155 1.95 0.24 32.30
CA PHE B 155 0.80 0.65 31.50
C PHE B 155 0.37 2.07 31.83
N SER B 156 0.56 2.49 33.07
CA SER B 156 0.26 3.88 33.41
C SER B 156 1.29 4.83 32.81
N ASP B 157 2.58 4.42 32.74
CA ASP B 157 3.64 5.28 32.22
C ASP B 157 3.54 5.52 30.73
N ILE B 158 2.99 4.56 29.98
CA ILE B 158 2.84 4.75 28.54
C ILE B 158 1.67 5.66 28.23
N ILE B 159 0.80 5.92 29.19
CA ILE B 159 -0.40 6.69 28.92
C ILE B 159 -0.21 8.16 29.24
N GLU B 160 0.31 8.47 30.44
CA GLU B 160 0.34 9.85 30.90
C GLU B 160 1.06 10.80 29.96
N PRO B 161 2.16 10.45 29.30
CA PRO B 161 2.85 11.43 28.45
C PRO B 161 2.01 11.96 27.29
N LYS B 162 1.02 11.16 26.84
CA LYS B 162 0.14 11.57 25.77
C LYS B 162 -0.84 12.61 26.26
N PHE B 163 -1.24 12.55 27.56
CA PHE B 163 -2.07 13.60 28.14
C PHE B 163 -1.29 14.90 28.22
N GLU B 164 -0.03 14.83 28.65
CA GLU B 164 0.78 16.05 28.78
C GLU B 164 0.93 16.75 27.42
N PHE B 165 1.19 15.97 26.38
CA PHE B 165 1.19 16.52 25.02
C PHE B 165 -0.17 17.09 24.64
N ALA B 166 -1.25 16.34 24.87
CA ALA B 166 -2.56 16.75 24.37
C ALA B 166 -3.00 18.09 24.94
N VAL B 167 -2.80 18.28 26.24
CA VAL B 167 -3.32 19.48 26.88
C VAL B 167 -2.62 20.71 26.29
N LYS B 168 -1.30 20.62 26.10
CA LYS B 168 -0.58 21.70 25.46
C LYS B 168 -1.02 21.88 24.01
N PHE B 169 -1.23 20.80 23.27
CA PHE B 169 -1.62 20.91 21.88
C PHE B 169 -2.99 21.57 21.76
N ASN B 170 -3.92 21.20 22.65
CA ASN B 170 -5.26 21.79 22.59
C ASN B 170 -5.30 23.29 22.88
N ALA B 171 -4.29 23.85 23.59
CA ALA B 171 -4.25 25.28 23.83
C ALA B 171 -4.00 26.06 22.56
N LEU B 172 -3.62 25.37 21.47
CA LEU B 172 -3.47 26.03 20.19
C LEU B 172 -4.79 26.17 19.46
N GLU B 173 -5.82 25.45 19.91
CA GLU B 173 -7.21 25.66 19.48
C GLU B 173 -7.38 25.43 17.97
N LEU B 174 -6.72 24.41 17.43
CA LEU B 174 -6.95 24.06 16.04
C LEU B 174 -8.35 23.49 15.86
N ASP B 175 -8.92 23.69 14.67
CA ASP B 175 -10.17 23.03 14.32
C ASP B 175 -9.86 21.89 13.35
N ASP B 176 -10.93 21.21 12.91
CA ASP B 176 -10.78 20.02 12.07
C ASP B 176 -10.13 20.36 10.72
N SER B 177 -10.48 21.50 10.14
CA SER B 177 -9.87 21.91 8.87
C SER B 177 -8.38 22.16 9.03
N ASP B 178 -7.94 22.67 10.20
CA ASP B 178 -6.52 22.78 10.46
C ASP B 178 -5.89 21.40 10.61
N LEU B 179 -6.56 20.53 11.35
CA LEU B 179 -5.97 19.24 11.68
C LEU B 179 -5.81 18.41 10.43
N ALA B 180 -6.72 18.58 9.48
CA ALA B 180 -6.62 17.78 8.28
C ALA B 180 -5.29 18.01 7.60
N LEU B 181 -4.86 19.28 7.55
CA LEU B 181 -3.62 19.64 6.88
C LEU B 181 -2.42 19.22 7.70
N PHE B 182 -2.52 19.38 9.02
CA PHE B 182 -1.44 19.03 9.92
C PHE B 182 -1.15 17.54 9.86
N ILE B 183 -2.20 16.72 9.90
CA ILE B 183 -2.05 15.27 9.83
C ILE B 183 -1.49 14.85 8.47
N ALA B 184 -1.96 15.49 7.40
CA ALA B 184 -1.43 15.19 6.07
C ALA B 184 0.05 15.52 6.00
N ALA B 185 0.45 16.64 6.63
CA ALA B 185 1.86 17.02 6.69
C ALA B 185 2.69 16.02 7.46
N ILE B 186 2.12 15.43 8.51
CA ILE B 186 2.86 14.42 9.27
C ILE B 186 3.05 13.15 8.45
N ILE B 187 2.02 12.70 7.72
CA ILE B 187 2.12 11.44 6.97
CA ILE B 187 2.12 11.45 6.96
C ILE B 187 3.05 11.62 5.78
N LEU B 188 2.88 12.71 5.02
CA LEU B 188 3.67 12.97 3.82
C LEU B 188 4.98 13.68 4.20
N CYS B 189 5.87 12.90 4.79
CA CYS B 189 7.10 13.42 5.37
C CYS B 189 8.28 12.77 4.70
N GLY B 190 9.16 13.58 4.11
CA GLY B 190 10.24 13.07 3.30
C GLY B 190 11.39 12.46 4.08
N ASP B 191 11.38 12.60 5.41
CA ASP B 191 12.45 12.13 6.28
C ASP B 191 12.35 10.66 6.65
N ARG B 192 11.27 9.98 6.30
CA ARG B 192 11.05 8.64 6.81
C ARG B 192 12.13 7.69 6.26
N PRO B 193 12.64 6.77 7.07
CA PRO B 193 13.69 5.89 6.60
C PRO B 193 13.21 4.97 5.49
N GLY B 194 14.07 4.75 4.52
CA GLY B 194 13.81 3.79 3.48
C GLY B 194 12.84 4.23 2.42
N LEU B 195 12.49 5.52 2.37
CA LEU B 195 11.65 6.02 1.29
C LEU B 195 12.35 5.84 -0.04
N MET B 196 11.58 5.40 -1.04
CA MET B 196 12.14 5.21 -2.37
C MET B 196 12.24 6.54 -3.12
N ASN B 197 11.18 7.33 -3.12
CA ASN B 197 11.17 8.58 -3.89
C ASN B 197 11.14 9.78 -2.94
N VAL B 198 12.29 10.08 -2.36
CA VAL B 198 12.34 11.17 -1.38
C VAL B 198 11.97 12.51 -1.98
N PRO B 199 12.50 12.91 -3.14
CA PRO B 199 12.19 14.25 -3.66
C PRO B 199 10.73 14.45 -3.96
N ARG B 200 10.04 13.39 -4.37
CA ARG B 200 8.59 13.49 -4.60
C ARG B 200 7.86 13.76 -3.30
N VAL B 201 8.15 12.98 -2.25
CA VAL B 201 7.50 13.19 -0.96
C VAL B 201 7.87 14.54 -0.38
N GLU B 202 9.15 14.91 -0.46
CA GLU B 202 9.56 16.22 0.04
C GLU B 202 8.75 17.34 -0.62
N ALA B 203 8.57 17.25 -1.94
CA ALA B 203 7.75 18.21 -2.67
C ALA B 203 6.31 18.23 -2.19
N ILE B 204 5.72 17.05 -2.00
CA ILE B 204 4.35 17.02 -1.50
C ILE B 204 4.28 17.63 -0.11
N GLN B 205 5.23 17.26 0.76
CA GLN B 205 5.24 17.80 2.10
C GLN B 205 5.32 19.33 2.06
N ASP B 206 6.19 19.85 1.22
CA ASP B 206 6.32 21.29 1.15
C ASP B 206 5.01 21.97 0.70
N THR B 207 4.31 21.37 -0.26
CA THR B 207 3.03 21.93 -0.70
C THR B 207 2.01 21.97 0.45
N ILE B 208 1.91 20.86 1.18
CA ILE B 208 0.98 20.79 2.31
C ILE B 208 1.29 21.87 3.32
N LEU B 209 2.58 22.06 3.60
CA LEU B 209 2.98 23.02 4.60
C LEU B 209 2.68 24.45 4.14
N ARG B 210 2.94 24.78 2.87
CA ARG B 210 2.49 26.06 2.35
C ARG B 210 0.99 26.21 2.41
N ALA B 211 0.24 25.14 2.08
CA ALA B 211 -1.21 25.25 2.19
C ALA B 211 -1.61 25.49 3.62
N LEU B 212 -0.93 24.83 4.54
CA LEU B 212 -1.25 24.98 5.94
C LEU B 212 -0.95 26.38 6.40
N GLU B 213 0.21 26.92 6.02
CA GLU B 213 0.56 28.28 6.45
C GLU B 213 -0.49 29.27 6.00
N PHE B 214 -0.91 29.18 4.75
CA PHE B 214 -1.93 30.09 4.26
C PHE B 214 -3.26 29.85 4.97
N HIS B 215 -3.61 28.59 5.26
CA HIS B 215 -4.87 28.27 5.91
C HIS B 215 -4.99 28.96 7.26
N LEU B 216 -3.93 28.93 8.05
CA LEU B 216 -3.95 29.58 9.36
C LEU B 216 -4.02 31.10 9.25
N GLN B 217 -3.38 31.69 8.25
CA GLN B 217 -3.50 33.14 8.11
C GLN B 217 -4.96 33.52 7.89
N ALA B 218 -5.72 32.67 7.21
CA ALA B 218 -7.12 33.01 6.99
C ALA B 218 -7.98 32.61 8.19
N ASN B 219 -7.78 31.40 8.70
CA ASN B 219 -8.67 30.84 9.73
C ASN B 219 -8.33 31.33 11.14
N HIS B 220 -7.06 31.62 11.42
CA HIS B 220 -6.61 32.16 12.71
C HIS B 220 -5.84 33.45 12.47
N PRO B 221 -6.51 34.52 12.04
CA PRO B 221 -5.76 35.72 11.63
C PRO B 221 -5.07 36.43 12.78
N ASP B 222 -5.46 36.15 14.01
CA ASP B 222 -4.96 36.86 15.17
C ASP B 222 -3.98 36.04 16.01
N ALA B 223 -3.69 34.81 15.61
CA ALA B 223 -2.83 33.92 16.40
C ALA B 223 -1.43 33.97 15.82
N GLN B 224 -0.54 34.68 16.49
CA GLN B 224 0.81 34.85 16.00
C GLN B 224 1.73 33.69 16.39
N TYR B 225 2.63 33.39 15.48
CA TYR B 225 3.61 32.34 15.64
C TYR B 225 2.97 30.96 15.60
N LEU B 226 1.73 30.86 15.12
CA LEU B 226 1.02 29.59 15.18
C LEU B 226 1.61 28.58 14.21
N PHE B 227 2.02 29.02 13.01
CA PHE B 227 2.63 28.10 12.07
C PHE B 227 3.95 27.55 12.62
N PRO B 228 4.90 28.36 13.06
CA PRO B 228 6.12 27.78 13.64
C PRO B 228 5.86 27.05 14.94
N LYS B 229 4.84 27.44 15.69
CA LYS B 229 4.47 26.62 16.83
C LYS B 229 4.14 25.19 16.40
N LEU B 230 3.36 25.04 15.31
CA LEU B 230 2.96 23.71 14.84
C LEU B 230 4.13 22.93 14.27
N LEU B 231 5.10 23.60 13.67
CA LEU B 231 6.30 22.88 13.24
C LEU B 231 7.03 22.30 14.43
N GLN B 232 7.13 23.07 15.52
CA GLN B 232 7.76 22.53 16.72
C GLN B 232 6.95 21.33 17.24
N LYS B 233 5.62 21.38 17.13
CA LYS B 233 4.80 20.26 17.61
C LYS B 233 5.09 19.01 16.77
N MET B 234 5.34 19.18 15.47
CA MET B 234 5.69 18.02 14.64
CA MET B 234 5.68 18.03 14.65
C MET B 234 7.00 17.42 15.11
N ALA B 235 7.96 18.25 15.46
CA ALA B 235 9.19 17.72 16.07
C ALA B 235 8.88 17.08 17.40
N ASP B 236 8.06 17.73 18.23
CA ASP B 236 7.66 17.17 19.53
C ASP B 236 7.05 15.77 19.37
N LEU B 237 6.22 15.57 18.34
CA LEU B 237 5.56 14.29 18.12
C LEU B 237 6.54 13.20 17.77
N ARG B 238 7.67 13.54 17.14
CA ARG B 238 8.68 12.53 16.84
C ARG B 238 9.31 12.02 18.11
N GLN B 239 9.58 12.93 19.05
CA GLN B 239 10.14 12.52 20.32
C GLN B 239 9.12 11.68 21.11
N LEU B 240 7.86 12.11 21.11
CA LEU B 240 6.82 11.37 21.81
C LEU B 240 6.73 9.93 21.29
N VAL B 241 6.90 9.75 19.98
CA VAL B 241 6.78 8.43 19.39
C VAL B 241 8.04 7.60 19.62
N THR B 242 9.22 8.23 19.59
CA THR B 242 10.44 7.52 20.00
C THR B 242 10.27 6.94 21.41
N GLU B 243 9.78 7.75 22.34
CA GLU B 243 9.61 7.30 23.73
C GLU B 243 8.53 6.24 23.83
N HIS B 244 7.44 6.42 23.08
CA HIS B 244 6.40 5.42 23.00
C HIS B 244 6.95 4.09 22.52
N ALA B 245 7.80 4.10 21.48
CA ALA B 245 8.29 2.85 20.95
C ALA B 245 9.23 2.18 21.94
N GLN B 246 10.01 2.99 22.67
CA GLN B 246 10.90 2.43 23.68
C GLN B 246 10.07 1.77 24.79
N MET B 247 8.95 2.38 25.15
CA MET B 247 8.12 1.80 26.18
C MET B 247 7.44 0.55 25.69
N MET B 248 7.04 0.53 24.41
CA MET B 248 6.51 -0.71 23.83
C MET B 248 7.55 -1.81 23.79
N GLN B 249 8.83 -1.46 23.57
CA GLN B 249 9.88 -2.49 23.63
C GLN B 249 9.97 -3.08 25.02
N ARG B 250 9.85 -2.25 26.05
CA ARG B 250 9.93 -2.76 27.44
C ARG B 250 8.73 -3.65 27.78
N ILE B 251 7.54 -3.28 27.31
CA ILE B 251 6.35 -4.10 27.50
C ILE B 251 6.53 -5.46 26.85
N LYS B 252 7.06 -5.49 25.62
CA LYS B 252 7.36 -6.74 24.95
C LYS B 252 8.39 -7.56 25.72
N LYS B 253 9.34 -6.90 26.40
CA LYS B 253 10.40 -7.65 27.07
C LYS B 253 9.95 -8.19 28.41
N THR B 254 9.20 -7.40 29.16
CA THR B 254 8.89 -7.70 30.56
C THR B 254 7.46 -8.15 30.78
N GLU B 255 6.56 -7.96 29.83
CA GLU B 255 5.15 -8.35 30.00
C GLU B 255 4.81 -9.43 28.99
N THR B 256 5.35 -10.62 29.18
CA THR B 256 5.27 -11.63 28.13
C THR B 256 3.88 -12.22 27.97
N GLU B 257 3.04 -12.17 29.02
CA GLU B 257 1.66 -12.60 28.92
C GLU B 257 0.78 -11.62 28.15
N THR B 258 1.27 -10.41 27.85
CA THR B 258 0.45 -9.41 27.20
C THR B 258 0.56 -9.59 25.68
N SER B 259 -0.60 -9.74 25.01
CA SER B 259 -0.65 -10.00 23.58
C SER B 259 -0.51 -8.70 22.82
N LEU B 260 0.40 -8.68 21.85
CA LEU B 260 0.65 -7.49 21.04
C LEU B 260 0.15 -7.72 19.63
N HIS B 261 -0.61 -6.76 19.13
CA HIS B 261 -1.22 -6.90 17.82
C HIS B 261 -0.13 -6.97 16.75
N PRO B 262 -0.21 -7.92 15.82
CA PRO B 262 0.89 -8.09 14.86
C PRO B 262 1.08 -6.92 13.91
N LEU B 263 0.02 -6.15 13.62
CA LEU B 263 0.20 -4.98 12.76
C LEU B 263 1.09 -3.97 13.46
N LEU B 264 0.83 -3.73 14.74
CA LEU B 264 1.69 -2.82 15.47
C LEU B 264 3.11 -3.37 15.61
N GLN B 265 3.27 -4.67 15.73
CA GLN B 265 4.61 -5.24 15.78
C GLN B 265 5.36 -5.03 14.47
N GLU B 266 4.66 -5.09 13.33
CA GLU B 266 5.31 -4.75 12.05
C GLU B 266 5.75 -3.29 12.03
N ILE B 267 4.95 -2.39 12.63
CA ILE B 267 5.35 -0.98 12.74
C ILE B 267 6.59 -0.84 13.59
N TYR B 268 6.61 -1.46 14.78
CA TYR B 268 7.77 -1.32 15.66
C TYR B 268 8.98 -2.10 15.18
N LYS B 269 8.80 -3.07 14.27
CA LYS B 269 9.90 -3.85 13.74
C LYS B 269 10.95 -2.90 13.17
N ASP B 270 12.20 -3.09 13.56
CA ASP B 270 13.29 -2.19 13.16
C ASP B 270 12.83 -0.74 13.17
N MET B 271 12.51 -0.21 14.34
CA MET B 271 12.16 1.20 14.48
C MET B 271 13.16 1.88 15.41
#